data_2O11
#
_entry.id   2O11
#
_cell.length_a   133.586
_cell.length_b   133.586
_cell.length_c   160.043
_cell.angle_alpha   90.00
_cell.angle_beta   90.00
_cell.angle_gamma   120.00
#
_symmetry.space_group_name_H-M   'P 64 2 2'
#
loop_
_entity.id
_entity.type
_entity.pdbx_description
1 polymer 'Chorismate synthase'
2 non-polymer 'ACETATE ION'
3 non-polymer 'SODIUM ION'
4 non-polymer 2-AMINO-2-HYDROXYMETHYL-PROPANE-1,3-DIOL
5 water water
#
_entity_poly.entity_id   1
_entity_poly.type   'polypeptide(L)'
_entity_poly.pdbx_seq_one_letter_code
;MLRWITAGESHGRALVAVVEGMVAGVHVTSADIADQLARRRLGYGRGARMTFERDAVTVLSGIRHGSTLGGPIAIEIGNT
EWPKWETVMAADPVDPAELADVARNAPLTRPRPGHADYAGMLKYGFDDARPVLERASARETAARVAAGTVARAFLRQALG
VEVLSHVISIGASAPYEGPPPRAEDLPAIDASPVRAYDKAAEADMIAQIEAAKKDGDTLGGVVEAVALGLPVGLGSFTSG
DHRLDSQLAAAVMGIQAIKGVEIGDGFQTARRRGSRAHDEMYPGPDGVVRSTNRAGGLEGGMTNGQPLRVRAAMKPISTV
PRALATVDLATGDEAVAIHQRSDVCAVPAAGVVVETMVALVLARAALEKFGGDSLAETQRNIAAYQRSVADREAPAARVS
GHHHHHH
;
_entity_poly.pdbx_strand_id   A
#
loop_
_chem_comp.id
_chem_comp.type
_chem_comp.name
_chem_comp.formula
ACT non-polymer 'ACETATE ION' 'C2 H3 O2 -1'
NA non-polymer 'SODIUM ION' 'Na 1'
TRS non-polymer 2-AMINO-2-HYDROXYMETHYL-PROPANE-1,3-DIOL 'C4 H12 N O3 1'
#
# COMPACT_ATOMS: atom_id res chain seq x y z
N MET A 1 5.26 -1.50 -20.50
CA MET A 1 4.85 -0.69 -19.32
C MET A 1 4.89 -1.60 -18.12
N LEU A 2 5.35 -1.07 -17.00
CA LEU A 2 5.37 -1.86 -15.77
C LEU A 2 3.93 -2.06 -15.33
N ARG A 3 3.57 -3.31 -15.00
CA ARG A 3 2.22 -3.67 -14.55
CA ARG A 3 2.22 -3.66 -14.55
C ARG A 3 2.34 -4.67 -13.40
N TRP A 4 1.36 -4.65 -12.53
CA TRP A 4 1.32 -5.56 -11.35
C TRP A 4 -0.07 -6.10 -11.16
N ILE A 5 -0.14 -7.35 -10.73
CA ILE A 5 -1.41 -7.91 -10.40
CA ILE A 5 -1.38 -8.07 -10.53
C ILE A 5 -1.22 -8.87 -9.23
N THR A 6 -2.23 -8.87 -8.41
CA THR A 6 -2.28 -9.76 -7.22
C THR A 6 -3.42 -10.75 -7.40
N ALA A 7 -3.27 -11.92 -6.77
CA ALA A 7 -4.30 -12.92 -6.77
C ALA A 7 -4.21 -13.64 -5.41
N GLY A 8 -5.33 -14.19 -5.01
CA GLY A 8 -5.39 -14.97 -3.77
C GLY A 8 -6.57 -14.62 -2.91
N GLU A 9 -7.01 -15.60 -2.11
CA GLU A 9 -8.01 -15.38 -1.08
C GLU A 9 -7.28 -15.46 0.29
N SER A 10 -7.80 -14.76 1.28
CA SER A 10 -7.24 -14.66 2.62
CA SER A 10 -7.15 -14.65 2.58
C SER A 10 -6.94 -16.02 3.23
N HIS A 11 -7.87 -16.92 3.02
CA HIS A 11 -7.77 -18.30 3.57
C HIS A 11 -7.61 -19.34 2.47
N GLY A 12 -7.19 -18.89 1.30
CA GLY A 12 -6.78 -19.80 0.25
C GLY A 12 -5.40 -20.36 0.49
N ARG A 13 -4.94 -21.21 -0.44
CA ARG A 13 -3.67 -21.92 -0.32
CA ARG A 13 -3.67 -21.89 -0.23
C ARG A 13 -2.47 -20.97 -0.26
N ALA A 14 -2.52 -19.93 -1.11
CA ALA A 14 -1.40 -19.02 -1.23
C ALA A 14 -1.89 -17.77 -1.98
N LEU A 15 -1.08 -16.73 -1.85
CA LEU A 15 -1.25 -15.53 -2.68
C LEU A 15 -0.20 -15.55 -3.77
N VAL A 16 -0.45 -14.78 -4.84
CA VAL A 16 0.48 -14.66 -5.94
C VAL A 16 0.51 -13.20 -6.36
N ALA A 17 1.71 -12.69 -6.57
CA ALA A 17 1.94 -11.38 -7.19
C ALA A 17 2.66 -11.63 -8.51
N VAL A 18 2.23 -10.96 -9.57
CA VAL A 18 2.96 -11.00 -10.84
C VAL A 18 3.33 -9.54 -11.22
N VAL A 19 4.60 -9.31 -11.52
CA VAL A 19 5.08 -8.01 -12.01
C VAL A 19 5.59 -8.23 -13.44
N GLU A 20 5.01 -7.49 -14.40
CA GLU A 20 5.33 -7.57 -15.81
CA GLU A 20 5.41 -7.58 -15.80
C GLU A 20 5.99 -6.25 -16.25
N GLY A 21 6.96 -6.28 -17.13
CA GLY A 21 7.56 -5.06 -17.68
C GLY A 21 8.75 -4.48 -16.93
N MET A 22 9.30 -5.20 -15.95
CA MET A 22 10.52 -4.76 -15.30
C MET A 22 11.72 -5.14 -16.13
N VAL A 23 12.68 -4.23 -16.24
CA VAL A 23 13.94 -4.51 -16.92
C VAL A 23 14.74 -5.67 -16.30
N ALA A 24 15.51 -6.34 -17.14
CA ALA A 24 16.48 -7.35 -16.68
C ALA A 24 17.58 -6.65 -15.89
N GLY A 25 18.23 -7.41 -15.00
CA GLY A 25 19.41 -6.90 -14.31
C GLY A 25 19.22 -6.26 -12.97
N VAL A 26 17.99 -6.20 -12.47
CA VAL A 26 17.74 -5.62 -11.17
C VAL A 26 17.99 -6.70 -10.11
N HIS A 27 18.81 -6.36 -9.12
CA HIS A 27 19.15 -7.31 -8.07
CA HIS A 27 19.16 -7.30 -8.07
C HIS A 27 18.07 -7.33 -7.00
N VAL A 28 17.42 -8.46 -6.86
CA VAL A 28 16.39 -8.65 -5.86
C VAL A 28 16.28 -10.16 -5.54
N THR A 29 16.05 -10.46 -4.26
CA THR A 29 16.06 -11.83 -3.76
C THR A 29 14.83 -12.14 -2.94
N SER A 30 14.59 -13.44 -2.68
CA SER A 30 13.50 -13.86 -1.80
CA SER A 30 13.51 -13.88 -1.80
C SER A 30 13.65 -13.25 -0.41
N ALA A 31 14.89 -13.11 0.06
CA ALA A 31 15.16 -12.51 1.36
C ALA A 31 14.72 -11.03 1.38
N ASP A 32 14.95 -10.30 0.29
CA ASP A 32 14.42 -8.91 0.21
C ASP A 32 12.92 -8.86 0.33
N ILE A 33 12.24 -9.75 -0.38
CA ILE A 33 10.80 -9.84 -0.32
C ILE A 33 10.33 -10.15 1.09
N ALA A 34 10.94 -11.15 1.72
CA ALA A 34 10.54 -11.52 3.07
C ALA A 34 10.75 -10.38 4.05
N ASP A 35 11.83 -9.67 3.89
CA ASP A 35 12.09 -8.49 4.73
C ASP A 35 10.98 -7.46 4.64
N GLN A 36 10.49 -7.17 3.43
CA GLN A 36 9.40 -6.20 3.30
C GLN A 36 8.12 -6.74 3.84
N LEU A 37 7.90 -8.04 3.71
CA LEU A 37 6.73 -8.65 4.29
C LEU A 37 6.77 -8.56 5.83
N ALA A 38 7.97 -8.69 6.40
CA ALA A 38 8.16 -8.49 7.84
C ALA A 38 7.79 -7.08 8.28
N ARG A 39 8.17 -6.08 7.46
CA ARG A 39 7.81 -4.69 7.78
C ARG A 39 6.29 -4.49 7.79
N ARG A 40 5.59 -5.16 6.90
CA ARG A 40 4.14 -5.09 6.84
C ARG A 40 3.48 -5.63 8.11
N ARG A 41 4.22 -6.44 8.87
CA ARG A 41 3.73 -7.00 10.14
C ARG A 41 4.01 -6.12 11.38
N LEU A 42 4.66 -4.99 11.19
CA LEU A 42 4.96 -4.05 12.30
C LEU A 42 3.75 -3.34 12.84
N GLY A 43 3.80 -3.00 14.13
CA GLY A 43 2.79 -2.14 14.72
C GLY A 43 2.20 -2.65 16.03
N TYR A 44 2.02 -1.73 16.97
CA TYR A 44 1.55 -2.03 18.30
C TYR A 44 0.21 -2.75 18.30
N GLY A 45 -0.86 -2.02 18.02
CA GLY A 45 -2.23 -2.51 18.27
C GLY A 45 -2.88 -3.25 17.11
N ASP A 55 4.23 -16.03 6.06
CA ASP A 55 4.54 -15.37 4.81
C ASP A 55 5.70 -16.03 4.07
N ALA A 56 5.69 -17.37 3.99
CA ALA A 56 6.71 -18.11 3.24
C ALA A 56 6.66 -17.76 1.75
N VAL A 57 7.79 -17.27 1.31
CA VAL A 57 7.97 -16.72 -0.02
C VAL A 57 8.62 -17.72 -0.93
N THR A 58 8.07 -17.88 -2.12
CA THR A 58 8.73 -18.63 -3.18
C THR A 58 8.66 -17.79 -4.45
N VAL A 59 9.82 -17.47 -5.00
CA VAL A 59 9.94 -16.79 -6.31
C VAL A 59 9.85 -17.90 -7.35
N LEU A 60 8.80 -17.82 -8.16
CA LEU A 60 8.52 -18.86 -9.16
C LEU A 60 9.12 -18.58 -10.53
N SER A 61 9.20 -17.31 -10.91
CA SER A 61 9.66 -16.96 -12.25
C SER A 61 10.26 -15.57 -12.27
N GLY A 62 11.04 -15.28 -13.30
CA GLY A 62 11.46 -13.93 -13.62
C GLY A 62 12.72 -13.42 -12.99
N ILE A 63 13.32 -14.24 -12.12
CA ILE A 63 14.53 -13.89 -11.43
C ILE A 63 15.46 -15.12 -11.44
N ARG A 64 16.71 -14.89 -11.81
CA ARG A 64 17.71 -15.94 -11.83
C ARG A 64 18.99 -15.45 -11.17
N HIS A 65 19.45 -16.23 -10.17
CA HIS A 65 20.67 -15.92 -9.45
C HIS A 65 20.65 -14.47 -8.92
N GLY A 66 19.48 -14.07 -8.42
CA GLY A 66 19.28 -12.79 -7.76
C GLY A 66 19.15 -11.58 -8.70
N SER A 67 19.00 -11.82 -10.00
CA SER A 67 18.86 -10.75 -11.00
CA SER A 67 18.88 -10.76 -10.99
C SER A 67 17.59 -10.98 -11.82
N THR A 68 16.80 -9.93 -12.03
CA THR A 68 15.65 -10.08 -12.89
C THR A 68 16.05 -10.44 -14.33
N LEU A 69 15.17 -11.21 -14.96
CA LEU A 69 15.40 -11.79 -16.30
C LEU A 69 14.80 -10.93 -17.41
N GLY A 70 13.91 -10.04 -17.02
CA GLY A 70 13.12 -9.26 -18.04
C GLY A 70 11.70 -9.71 -18.32
N GLY A 71 11.37 -10.95 -17.99
CA GLY A 71 10.05 -11.47 -18.17
C GLY A 71 9.22 -11.29 -16.93
N PRO A 72 8.03 -11.87 -16.92
CA PRO A 72 7.13 -11.72 -15.79
C PRO A 72 7.72 -12.36 -14.54
N ILE A 73 7.62 -11.63 -13.45
CA ILE A 73 8.09 -12.08 -12.12
C ILE A 73 6.89 -12.54 -11.31
N ALA A 74 6.84 -13.82 -10.95
CA ALA A 74 5.76 -14.38 -10.20
C ALA A 74 6.28 -14.77 -8.83
N ILE A 75 5.62 -14.32 -7.80
CA ILE A 75 6.02 -14.55 -6.40
C ILE A 75 4.85 -15.17 -5.67
N GLU A 76 5.08 -16.29 -4.98
CA GLU A 76 4.00 -16.93 -4.24
C GLU A 76 4.23 -16.70 -2.73
N ILE A 77 3.16 -16.44 -2.00
CA ILE A 77 3.21 -16.24 -0.52
C ILE A 77 2.25 -17.25 0.09
N GLY A 78 2.81 -18.20 0.83
CA GLY A 78 1.98 -19.25 1.40
C GLY A 78 1.10 -18.77 2.53
N ASN A 79 -0.02 -19.49 2.68
CA ASN A 79 -0.96 -19.40 3.79
C ASN A 79 -0.61 -20.52 4.77
N THR A 80 -0.05 -20.16 5.90
CA THR A 80 0.32 -21.17 6.91
C THR A 80 -0.87 -21.93 7.50
N GLU A 81 -2.04 -21.29 7.58
CA GLU A 81 -3.23 -21.96 8.13
C GLU A 81 -4.05 -22.77 7.11
N TRP A 82 -3.47 -23.05 5.94
CA TRP A 82 -4.20 -23.73 4.87
C TRP A 82 -4.85 -25.04 5.31
N PRO A 83 -4.13 -25.86 6.10
CA PRO A 83 -4.82 -27.07 6.54
C PRO A 83 -6.18 -26.91 7.21
N LYS A 84 -6.40 -25.83 7.95
CA LYS A 84 -7.73 -25.55 8.52
C LYS A 84 -8.80 -25.23 7.50
N TRP A 85 -8.35 -24.66 6.36
CA TRP A 85 -9.25 -24.10 5.37
C TRP A 85 -9.30 -24.93 4.09
N GLU A 86 -8.56 -26.03 4.06
CA GLU A 86 -8.40 -26.77 2.82
C GLU A 86 -9.67 -27.41 2.28
N THR A 87 -10.69 -27.59 3.12
CA THR A 87 -11.99 -28.02 2.66
C THR A 87 -12.95 -26.87 2.39
N VAL A 88 -13.03 -25.94 3.34
CA VAL A 88 -13.95 -24.81 3.22
C VAL A 88 -13.57 -23.95 1.98
N MET A 89 -12.29 -23.83 1.74
CA MET A 89 -11.80 -23.02 0.60
C MET A 89 -11.18 -23.89 -0.50
N ALA A 90 -11.54 -25.17 -0.53
CA ALA A 90 -11.09 -26.05 -1.61
C ALA A 90 -11.45 -25.45 -2.98
N ALA A 91 -10.51 -25.53 -3.91
CA ALA A 91 -10.79 -25.12 -5.31
C ALA A 91 -11.76 -26.02 -6.01
N ASP A 92 -11.69 -27.33 -5.72
CA ASP A 92 -12.50 -28.31 -6.40
C ASP A 92 -13.74 -28.67 -5.59
N PRO A 93 -14.74 -29.24 -6.27
CA PRO A 93 -15.96 -29.58 -5.58
C PRO A 93 -15.73 -30.53 -4.39
N VAL A 94 -16.54 -30.35 -3.37
CA VAL A 94 -16.56 -31.18 -2.17
C VAL A 94 -18.01 -31.64 -2.02
N ASP A 95 -18.16 -32.89 -1.60
N ASP A 95 -18.18 -32.91 -1.69
CA ASP A 95 -19.49 -33.46 -1.32
CA ASP A 95 -19.51 -33.46 -1.44
C ASP A 95 -20.25 -32.52 -0.40
C ASP A 95 -20.26 -32.57 -0.44
N PRO A 96 -21.39 -31.97 -0.88
CA PRO A 96 -22.16 -31.04 -0.05
C PRO A 96 -22.62 -31.57 1.31
N ALA A 97 -22.72 -32.90 1.42
CA ALA A 97 -23.12 -33.54 2.67
C ALA A 97 -21.97 -33.52 3.68
N GLU A 98 -20.76 -33.78 3.20
CA GLU A 98 -19.56 -33.65 4.03
C GLU A 98 -19.43 -32.21 4.49
N LEU A 99 -19.53 -31.29 3.53
CA LEU A 99 -19.51 -29.87 3.79
C LEU A 99 -20.58 -29.45 4.80
N ALA A 100 -21.75 -30.08 4.75
CA ALA A 100 -22.86 -29.72 5.64
C ALA A 100 -22.55 -30.01 7.10
N ASP A 101 -21.64 -30.97 7.35
CA ASP A 101 -21.19 -31.28 8.71
C ASP A 101 -20.03 -30.39 9.19
N VAL A 102 -19.64 -29.36 8.42
CA VAL A 102 -18.48 -28.58 8.79
C VAL A 102 -18.94 -27.19 9.26
N ALA A 103 -18.81 -26.93 10.56
CA ALA A 103 -19.26 -25.69 11.18
C ALA A 103 -18.59 -24.48 10.54
N ARG A 104 -17.32 -24.64 10.21
CA ARG A 104 -16.53 -23.53 9.62
C ARG A 104 -17.12 -23.04 8.30
N ASN A 105 -17.87 -23.90 7.61
CA ASN A 105 -18.44 -23.56 6.31
CA ASN A 105 -18.43 -23.61 6.29
C ASN A 105 -19.82 -22.93 6.34
N ALA A 106 -20.25 -22.61 7.55
N ALA A 106 -20.30 -22.57 7.51
CA ALA A 106 -21.55 -21.99 7.79
CA ALA A 106 -21.64 -21.99 7.59
C ALA A 106 -21.65 -20.71 7.01
C ALA A 106 -21.65 -20.61 6.93
N PRO A 107 -22.89 -20.20 6.88
N PRO A 107 -22.57 -20.39 5.97
CA PRO A 107 -23.22 -19.09 5.99
CA PRO A 107 -22.61 -19.06 5.38
C PRO A 107 -22.86 -17.76 6.64
C PRO A 107 -22.74 -17.92 6.41
N LEU A 108 -22.31 -16.78 5.89
CA LEU A 108 -22.15 -15.48 6.52
C LEU A 108 -23.14 -14.59 5.78
N THR A 109 -24.22 -14.22 6.45
CA THR A 109 -25.32 -13.50 5.82
C THR A 109 -25.63 -12.15 6.50
N ARG A 110 -24.73 -11.73 7.39
CA ARG A 110 -24.82 -10.48 8.16
C ARG A 110 -23.62 -9.56 7.82
N PRO A 111 -23.81 -8.70 6.80
CA PRO A 111 -22.70 -7.88 6.31
C PRO A 111 -22.20 -6.88 7.33
N ARG A 112 -20.89 -6.73 7.40
CA ARG A 112 -20.25 -5.74 8.27
C ARG A 112 -20.30 -4.33 7.69
N PRO A 113 -20.93 -3.37 8.37
CA PRO A 113 -20.76 -1.96 7.95
C PRO A 113 -19.32 -1.58 7.72
N GLY A 114 -19.09 -0.83 6.64
CA GLY A 114 -17.72 -0.43 6.35
C GLY A 114 -16.94 -1.36 5.46
N HIS A 115 -17.44 -2.57 5.24
CA HIS A 115 -16.72 -3.53 4.41
C HIS A 115 -17.45 -3.78 3.08
N ALA A 116 -16.78 -4.54 2.22
CA ALA A 116 -17.31 -4.92 0.92
C ALA A 116 -18.54 -5.80 0.98
N ASP A 117 -18.76 -6.44 2.13
CA ASP A 117 -19.74 -7.54 2.23
C ASP A 117 -21.05 -7.28 1.49
N TYR A 118 -21.83 -6.27 1.90
CA TYR A 118 -23.15 -6.03 1.38
C TYR A 118 -23.14 -5.72 -0.13
N ALA A 119 -22.35 -4.71 -0.51
CA ALA A 119 -22.40 -4.30 -1.93
C ALA A 119 -21.90 -5.45 -2.83
N GLY A 120 -20.87 -6.17 -2.35
CA GLY A 120 -20.26 -7.27 -3.12
C GLY A 120 -21.23 -8.44 -3.28
N MET A 121 -21.99 -8.73 -2.22
CA MET A 121 -23.02 -9.78 -2.30
C MET A 121 -24.11 -9.44 -3.34
N LEU A 122 -24.59 -8.21 -3.33
CA LEU A 122 -25.57 -7.79 -4.30
C LEU A 122 -24.99 -7.77 -5.72
N LYS A 123 -23.80 -7.22 -5.85
CA LYS A 123 -23.13 -7.10 -7.16
C LYS A 123 -22.99 -8.43 -7.87
N TYR A 124 -22.50 -9.41 -7.12
CA TYR A 124 -22.16 -10.74 -7.69
C TYR A 124 -23.27 -11.79 -7.51
N GLY A 125 -24.36 -11.39 -6.88
CA GLY A 125 -25.50 -12.30 -6.64
C GLY A 125 -25.20 -13.41 -5.65
N PHE A 126 -24.32 -13.13 -4.70
CA PHE A 126 -23.95 -14.12 -3.67
C PHE A 126 -24.90 -14.07 -2.50
N ASP A 127 -25.28 -15.23 -1.96
CA ASP A 127 -26.07 -15.28 -0.73
CA ASP A 127 -26.07 -15.30 -0.73
C ASP A 127 -25.21 -15.44 0.53
N ASP A 128 -23.90 -15.50 0.37
CA ASP A 128 -22.91 -15.72 1.43
C ASP A 128 -21.83 -14.65 1.27
N ALA A 129 -21.40 -14.02 2.36
CA ALA A 129 -20.32 -13.02 2.29
C ALA A 129 -18.95 -13.66 2.09
N ARG A 130 -18.82 -14.96 2.32
CA ARG A 130 -17.49 -15.58 2.26
C ARG A 130 -16.68 -15.27 0.98
N PRO A 131 -17.26 -15.51 -0.21
CA PRO A 131 -16.51 -15.24 -1.43
C PRO A 131 -16.10 -13.75 -1.58
N VAL A 132 -16.86 -12.86 -0.98
CA VAL A 132 -16.51 -11.41 -1.01
C VAL A 132 -15.38 -11.13 -0.04
N LEU A 133 -15.56 -11.48 1.24
CA LEU A 133 -14.54 -11.10 2.22
C LEU A 133 -13.19 -11.77 1.99
N GLU A 134 -13.21 -12.96 1.39
CA GLU A 134 -11.98 -13.66 1.14
C GLU A 134 -11.05 -12.90 0.19
N ARG A 135 -11.65 -12.26 -0.80
CA ARG A 135 -10.84 -11.50 -1.78
C ARG A 135 -10.65 -10.03 -1.38
N ALA A 136 -11.67 -9.45 -0.74
CA ALA A 136 -11.65 -8.03 -0.31
C ALA A 136 -10.67 -7.79 0.82
N SER A 137 -10.43 -8.82 1.64
CA SER A 137 -9.59 -8.70 2.82
C SER A 137 -8.23 -8.07 2.53
N ALA A 138 -7.78 -7.28 3.49
CA ALA A 138 -6.45 -6.72 3.46
C ALA A 138 -5.26 -7.66 3.51
N ARG A 139 -5.51 -8.97 3.70
CA ARG A 139 -4.44 -9.94 3.46
C ARG A 139 -3.83 -9.80 2.06
N GLU A 140 -4.64 -9.36 1.08
CA GLU A 140 -4.17 -9.12 -0.30
C GLU A 140 -3.03 -8.11 -0.36
N THR A 141 -2.90 -7.24 0.63
CA THR A 141 -1.82 -6.26 0.61
C THR A 141 -0.45 -6.89 0.76
N ALA A 142 -0.42 -8.14 1.24
CA ALA A 142 0.81 -8.85 1.29
C ALA A 142 1.39 -9.10 -0.12
N ALA A 143 0.50 -9.48 -1.03
CA ALA A 143 0.88 -9.69 -2.41
C ALA A 143 1.34 -8.35 -3.02
N ARG A 144 0.67 -7.27 -2.66
CA ARG A 144 1.15 -5.95 -3.14
C ARG A 144 2.56 -5.67 -2.71
N VAL A 145 2.87 -5.91 -1.43
CA VAL A 145 4.18 -5.66 -0.90
C VAL A 145 5.26 -6.51 -1.55
N ALA A 146 4.94 -7.75 -1.91
CA ALA A 146 5.86 -8.56 -2.66
C ALA A 146 6.24 -7.93 -4.01
N ALA A 147 5.21 -7.51 -4.74
CA ALA A 147 5.42 -6.81 -6.01
C ALA A 147 6.21 -5.54 -5.83
N GLY A 148 5.84 -4.75 -4.83
CA GLY A 148 6.51 -3.51 -4.52
C GLY A 148 8.00 -3.63 -4.24
N THR A 149 8.44 -4.78 -3.70
CA THR A 149 9.85 -5.01 -3.46
C THR A 149 10.71 -4.91 -4.74
N VAL A 150 10.16 -5.46 -5.83
CA VAL A 150 10.81 -5.36 -7.11
C VAL A 150 10.93 -3.89 -7.56
N ALA A 151 9.83 -3.16 -7.38
CA ALA A 151 9.82 -1.72 -7.70
C ALA A 151 10.83 -0.94 -6.89
N ARG A 152 10.91 -1.26 -5.60
CA ARG A 152 11.86 -0.62 -4.69
CA ARG A 152 11.84 -0.60 -4.69
C ARG A 152 13.30 -0.84 -5.09
N ALA A 153 13.64 -2.07 -5.43
CA ALA A 153 14.97 -2.42 -5.87
C ALA A 153 15.35 -1.66 -7.10
N PHE A 154 14.45 -1.65 -8.07
CA PHE A 154 14.65 -0.85 -9.28
C PHE A 154 14.93 0.63 -8.97
N LEU A 155 14.08 1.25 -8.16
CA LEU A 155 14.21 2.68 -7.85
C LEU A 155 15.56 2.99 -7.19
N ARG A 156 15.98 2.10 -6.31
CA ARG A 156 17.27 2.32 -5.63
C ARG A 156 18.44 2.18 -6.57
N GLN A 157 18.45 1.10 -7.35
CA GLN A 157 19.54 0.78 -8.26
C GLN A 157 19.62 1.70 -9.48
N ALA A 158 18.46 2.09 -10.02
CA ALA A 158 18.45 2.96 -11.18
C ALA A 158 18.59 4.43 -10.86
N LEU A 159 17.93 4.87 -9.79
CA LEU A 159 17.77 6.29 -9.52
C LEU A 159 18.29 6.75 -8.15
N GLY A 160 18.75 5.83 -7.32
CA GLY A 160 19.13 6.16 -5.94
C GLY A 160 17.97 6.67 -5.11
N VAL A 161 16.76 6.26 -5.43
CA VAL A 161 15.56 6.73 -4.77
C VAL A 161 15.21 5.78 -3.62
N GLU A 162 14.79 6.36 -2.50
CA GLU A 162 14.32 5.60 -1.33
C GLU A 162 12.89 6.01 -1.05
N VAL A 163 12.05 5.05 -0.68
CA VAL A 163 10.67 5.30 -0.28
C VAL A 163 10.51 4.88 1.18
N LEU A 164 10.01 5.78 2.00
CA LEU A 164 9.71 5.42 3.38
C LEU A 164 8.38 6.01 3.81
N SER A 165 7.96 5.75 5.04
CA SER A 165 6.74 6.30 5.56
C SER A 165 6.84 6.49 7.05
N HIS A 166 5.97 7.33 7.55
CA HIS A 166 5.82 7.56 8.98
C HIS A 166 4.38 7.92 9.26
N VAL A 167 3.94 7.69 10.50
CA VAL A 167 2.58 7.91 10.85
C VAL A 167 2.36 9.31 11.39
N ILE A 168 1.35 9.99 10.86
CA ILE A 168 1.03 11.38 11.23
C ILE A 168 0.09 11.45 12.44
N SER A 169 -0.95 10.60 12.45
CA SER A 169 -1.93 10.58 13.53
C SER A 169 -2.62 9.25 13.59
N ILE A 170 -3.08 8.88 14.78
CA ILE A 170 -3.93 7.69 15.01
C ILE A 170 -5.00 8.17 15.94
N GLY A 171 -6.26 7.86 15.63
CA GLY A 171 -7.40 8.30 16.40
C GLY A 171 -7.36 9.81 16.59
N ALA A 172 -7.61 10.26 17.82
CA ALA A 172 -7.66 11.71 18.07
C ALA A 172 -6.33 12.31 18.49
N SER A 173 -5.22 11.69 18.11
CA SER A 173 -3.90 12.21 18.44
C SER A 173 -3.66 13.56 17.74
N ALA A 174 -2.79 14.36 18.33
CA ALA A 174 -2.41 15.64 17.75
C ALA A 174 -1.45 15.34 16.60
N PRO A 175 -1.83 15.69 15.35
CA PRO A 175 -1.02 15.29 14.20
C PRO A 175 0.39 15.82 14.24
N TYR A 176 1.33 15.02 13.77
CA TYR A 176 2.71 15.42 13.70
C TYR A 176 2.86 16.30 12.46
N GLU A 177 3.24 17.56 12.70
CA GLU A 177 3.35 18.45 11.54
CA GLU A 177 3.31 18.61 11.69
C GLU A 177 4.75 19.00 11.37
N GLY A 178 5.71 18.37 12.02
CA GLY A 178 7.12 18.69 11.79
C GLY A 178 7.62 18.22 10.43
N PRO A 179 8.93 18.38 10.19
CA PRO A 179 9.48 17.97 8.91
C PRO A 179 9.46 16.44 8.71
N PRO A 180 9.45 16.01 7.44
CA PRO A 180 9.49 14.59 7.19
C PRO A 180 10.86 13.97 7.51
N PRO A 181 10.88 12.66 7.73
CA PRO A 181 12.13 11.95 7.93
C PRO A 181 12.95 11.84 6.66
N ARG A 182 14.22 11.50 6.82
CA ARG A 182 15.09 11.10 5.74
C ARG A 182 15.25 9.58 5.81
N ALA A 183 15.89 9.02 4.80
CA ALA A 183 16.07 7.57 4.72
C ALA A 183 16.77 7.00 5.96
N GLU A 184 17.73 7.75 6.47
CA GLU A 184 18.54 7.28 7.61
C GLU A 184 17.73 7.21 8.90
N ASP A 185 16.52 7.77 8.88
CA ASP A 185 15.60 7.73 10.02
C ASP A 185 14.72 6.48 10.05
N LEU A 186 14.80 5.65 9.00
CA LEU A 186 13.86 4.54 8.92
C LEU A 186 14.03 3.48 10.05
N PRO A 187 15.28 3.20 10.44
CA PRO A 187 15.44 2.26 11.56
C PRO A 187 14.72 2.73 12.83
N ALA A 188 14.83 4.01 13.16
CA ALA A 188 14.12 4.52 14.34
C ALA A 188 12.61 4.46 14.16
N ILE A 189 12.12 4.80 12.95
CA ILE A 189 10.67 4.74 12.71
C ILE A 189 10.14 3.31 12.84
N ASP A 190 10.83 2.36 12.20
CA ASP A 190 10.38 0.99 12.21
C ASP A 190 10.48 0.35 13.61
N ALA A 191 11.31 0.94 14.47
CA ALA A 191 11.39 0.51 15.89
C ALA A 191 10.34 1.13 16.78
N SER A 192 9.66 2.16 16.29
CA SER A 192 8.56 2.74 17.03
C SER A 192 7.32 1.83 16.99
N PRO A 193 6.66 1.64 18.14
CA PRO A 193 5.45 0.84 18.15
C PRO A 193 4.34 1.33 17.21
N VAL A 194 4.35 2.63 16.88
CA VAL A 194 3.36 3.19 15.97
C VAL A 194 4.02 3.81 14.71
N ARG A 195 5.28 3.47 14.47
CA ARG A 195 6.06 3.93 13.32
C ARG A 195 5.97 5.46 13.17
N ALA A 196 6.16 6.13 14.30
CA ALA A 196 6.22 7.57 14.35
C ALA A 196 7.65 8.06 14.27
N TYR A 197 7.84 9.21 13.63
CA TYR A 197 9.13 9.85 13.55
C TYR A 197 9.37 10.72 14.80
N ASP A 198 8.30 11.24 15.38
CA ASP A 198 8.35 12.19 16.50
C ASP A 198 7.95 11.53 17.82
N LYS A 199 8.76 11.73 18.85
CA LYS A 199 8.53 11.07 20.15
C LYS A 199 7.28 11.53 20.88
N ALA A 200 6.97 12.81 20.80
CA ALA A 200 5.75 13.34 21.42
C ALA A 200 4.52 12.79 20.72
N ALA A 201 4.54 12.73 19.40
CA ALA A 201 3.39 12.21 18.67
C ALA A 201 3.25 10.71 18.95
N GLU A 202 4.38 10.02 19.04
CA GLU A 202 4.40 8.60 19.38
C GLU A 202 3.64 8.32 20.66
N ALA A 203 3.96 9.06 21.72
CA ALA A 203 3.31 8.86 23.01
C ALA A 203 1.83 9.10 22.96
N ASP A 204 1.43 10.16 22.26
CA ASP A 204 0.04 10.50 22.08
C ASP A 204 -0.70 9.37 21.36
N MET A 205 -0.14 8.92 20.25
CA MET A 205 -0.73 7.79 19.51
C MET A 205 -0.86 6.48 20.31
N ILE A 206 0.18 6.12 21.04
CA ILE A 206 0.17 4.92 21.89
C ILE A 206 -0.96 5.06 22.91
N ALA A 207 -1.08 6.24 23.53
CA ALA A 207 -2.21 6.48 24.45
C ALA A 207 -3.57 6.33 23.82
N GLN A 208 -3.72 6.79 22.57
CA GLN A 208 -4.97 6.62 21.88
CA GLN A 208 -4.99 6.61 21.87
C GLN A 208 -5.29 5.12 21.72
N ILE A 209 -4.28 4.34 21.35
CA ILE A 209 -4.47 2.90 21.10
C ILE A 209 -4.84 2.24 22.43
N GLU A 210 -4.14 2.59 23.48
CA GLU A 210 -4.45 2.00 24.82
C GLU A 210 -5.86 2.28 25.25
N ALA A 211 -6.33 3.50 25.03
CA ALA A 211 -7.70 3.85 25.38
C ALA A 211 -8.74 3.12 24.56
N ALA A 212 -8.50 3.01 23.25
CA ALA A 212 -9.39 2.27 22.39
C ALA A 212 -9.43 0.80 22.80
N LYS A 213 -8.27 0.26 23.10
CA LYS A 213 -8.16 -1.16 23.46
C LYS A 213 -9.00 -1.41 24.72
N LYS A 214 -8.84 -0.56 25.73
CA LYS A 214 -9.68 -0.63 26.94
C LYS A 214 -11.17 -0.51 26.67
N ASP A 215 -11.55 0.37 25.77
CA ASP A 215 -12.95 0.58 25.46
C ASP A 215 -13.59 -0.47 24.53
N GLY A 216 -12.76 -1.37 23.99
CA GLY A 216 -13.19 -2.40 23.03
C GLY A 216 -13.54 -1.80 21.67
N ASP A 217 -12.80 -0.74 21.34
CA ASP A 217 -13.04 0.03 20.11
C ASP A 217 -11.84 -0.11 19.14
N THR A 218 -11.98 0.53 17.98
CA THR A 218 -10.96 0.47 16.95
C THR A 218 -10.71 1.89 16.38
N LEU A 219 -9.55 1.98 15.77
CA LEU A 219 -9.01 3.27 15.30
C LEU A 219 -8.50 3.21 13.86
N GLY A 220 -8.56 4.38 13.23
CA GLY A 220 -7.88 4.67 11.95
C GLY A 220 -6.77 5.68 12.16
N GLY A 221 -6.29 6.27 11.07
CA GLY A 221 -5.21 7.22 11.20
C GLY A 221 -4.76 7.72 9.84
N VAL A 222 -3.72 8.54 9.90
CA VAL A 222 -3.09 9.18 8.73
C VAL A 222 -1.62 8.87 8.66
N VAL A 223 -1.15 8.49 7.46
CA VAL A 223 0.21 8.16 7.23
C VAL A 223 0.76 9.01 6.08
N GLU A 224 2.07 9.21 6.10
CA GLU A 224 2.77 9.91 5.00
C GLU A 224 3.88 9.07 4.45
N ALA A 225 3.85 8.83 3.13
CA ALA A 225 4.96 8.24 2.41
C ALA A 225 5.79 9.36 1.83
N VAL A 226 7.08 9.18 1.89
CA VAL A 226 8.07 10.11 1.39
C VAL A 226 9.01 9.38 0.45
N ALA A 227 9.20 9.96 -0.74
CA ALA A 227 10.13 9.40 -1.70
C ALA A 227 11.19 10.42 -2.00
N LEU A 228 12.43 10.04 -1.76
CA LEU A 228 13.58 10.91 -1.82
C LEU A 228 14.49 10.58 -3.01
N GLY A 229 15.07 11.61 -3.63
CA GLY A 229 16.08 11.46 -4.64
C GLY A 229 15.55 11.44 -6.08
N LEU A 230 14.28 11.77 -6.26
CA LEU A 230 13.65 11.64 -7.60
C LEU A 230 14.21 12.68 -8.56
N PRO A 231 14.37 12.29 -9.83
CA PRO A 231 14.74 13.26 -10.85
C PRO A 231 13.54 14.15 -11.19
N VAL A 232 13.81 15.34 -11.73
CA VAL A 232 12.76 16.20 -12.24
C VAL A 232 12.17 15.60 -13.50
N GLY A 233 10.86 15.62 -13.61
CA GLY A 233 10.18 15.30 -14.85
C GLY A 233 9.59 13.92 -15.03
N LEU A 234 9.35 13.19 -13.93
CA LEU A 234 8.47 12.00 -14.01
C LEU A 234 7.03 12.43 -13.96
N GLY A 235 6.14 11.73 -14.66
CA GLY A 235 4.78 12.18 -14.89
C GLY A 235 4.79 13.19 -16.03
N SER A 236 3.61 13.67 -16.38
CA SER A 236 3.50 14.75 -17.38
C SER A 236 2.28 15.60 -17.16
N PHE A 237 2.28 16.79 -17.77
CA PHE A 237 1.19 17.70 -17.76
C PHE A 237 0.26 17.52 -18.97
N THR A 238 0.61 16.56 -19.85
CA THR A 238 -0.10 16.47 -21.14
C THR A 238 -1.53 15.95 -21.09
N SER A 239 -1.91 15.22 -20.02
CA SER A 239 -3.27 14.86 -19.84
C SER A 239 -3.52 14.49 -18.36
N GLY A 240 -4.79 14.41 -17.97
CA GLY A 240 -5.16 14.11 -16.57
C GLY A 240 -4.58 12.76 -16.15
N ASP A 241 -4.69 11.78 -17.04
CA ASP A 241 -4.17 10.45 -16.67
C ASP A 241 -2.66 10.37 -16.54
N HIS A 242 -1.91 11.24 -17.22
CA HIS A 242 -0.46 11.22 -17.17
C HIS A 242 0.15 11.97 -15.97
N ARG A 243 -0.66 12.81 -15.30
CA ARG A 243 -0.20 13.54 -14.15
CA ARG A 243 -0.25 13.54 -14.12
C ARG A 243 0.13 12.52 -13.04
N LEU A 244 1.31 12.68 -12.45
CA LEU A 244 1.78 11.69 -11.47
CA LEU A 244 1.79 11.69 -11.47
C LEU A 244 0.88 11.69 -10.26
N ASP A 245 0.31 12.86 -9.92
CA ASP A 245 -0.61 12.88 -8.77
C ASP A 245 -1.87 12.06 -9.00
N SER A 246 -2.38 12.04 -10.22
CA SER A 246 -3.49 11.17 -10.58
C SER A 246 -3.14 9.70 -10.33
N GLN A 247 -1.99 9.32 -10.86
CA GLN A 247 -1.53 7.93 -10.80
C GLN A 247 -1.30 7.50 -9.36
N LEU A 248 -0.68 8.36 -8.59
CA LEU A 248 -0.44 8.08 -7.15
C LEU A 248 -1.74 8.01 -6.39
N ALA A 249 -2.66 8.91 -6.67
CA ALA A 249 -3.97 8.88 -6.03
C ALA A 249 -4.71 7.58 -6.29
N ALA A 250 -4.67 7.10 -7.53
CA ALA A 250 -5.33 5.84 -7.87
C ALA A 250 -4.71 4.71 -7.03
N ALA A 251 -3.38 4.66 -7.03
CA ALA A 251 -2.65 3.55 -6.39
C ALA A 251 -2.87 3.54 -4.89
N VAL A 252 -2.93 4.72 -4.28
CA VAL A 252 -3.07 4.80 -2.80
C VAL A 252 -4.54 4.66 -2.39
N MET A 253 -5.47 5.30 -3.11
CA MET A 253 -6.87 5.21 -2.73
CA MET A 253 -6.87 5.19 -2.74
C MET A 253 -7.42 3.78 -2.89
N GLY A 254 -6.81 3.01 -3.77
CA GLY A 254 -7.19 1.62 -4.02
C GLY A 254 -6.77 0.66 -2.91
N ILE A 255 -6.03 1.15 -1.94
CA ILE A 255 -5.68 0.34 -0.77
C ILE A 255 -6.90 0.25 0.12
N GLN A 256 -7.13 -0.96 0.63
CA GLN A 256 -8.23 -1.21 1.54
C GLN A 256 -8.25 -0.20 2.72
N ALA A 257 -9.44 0.32 2.99
CA ALA A 257 -9.75 1.24 4.06
C ALA A 257 -9.30 2.68 3.88
N ILE A 258 -8.66 2.99 2.75
CA ILE A 258 -8.21 4.39 2.52
C ILE A 258 -9.42 5.21 2.01
N LYS A 259 -9.64 6.38 2.61
CA LYS A 259 -10.77 7.25 2.30
C LYS A 259 -10.33 8.66 1.87
N GLY A 260 -9.05 8.89 1.87
CA GLY A 260 -8.51 10.21 1.41
C GLY A 260 -7.06 10.14 1.04
N VAL A 261 -6.63 11.00 0.08
CA VAL A 261 -5.25 11.07 -0.32
C VAL A 261 -4.94 12.56 -0.54
N GLU A 262 -3.76 12.96 -0.12
CA GLU A 262 -3.22 14.34 -0.30
C GLU A 262 -1.83 14.25 -0.85
N ILE A 263 -1.44 15.27 -1.64
CA ILE A 263 -0.09 15.50 -2.05
C ILE A 263 0.42 16.74 -1.33
N GLY A 264 1.56 16.64 -0.67
CA GLY A 264 2.11 17.74 0.09
C GLY A 264 1.12 18.21 1.13
N ASP A 265 0.97 19.53 1.24
CA ASP A 265 0.09 20.10 2.24
C ASP A 265 -1.42 19.99 1.92
N GLY A 266 -1.76 19.38 0.78
CA GLY A 266 -3.10 18.92 0.52
C GLY A 266 -4.25 19.85 0.84
N PHE A 267 -5.19 19.40 1.68
CA PHE A 267 -6.38 20.15 1.98
C PHE A 267 -6.03 21.50 2.68
N GLN A 268 -4.90 21.56 3.37
CA GLN A 268 -4.48 22.81 4.05
C GLN A 268 -4.06 23.86 3.03
N THR A 269 -3.44 23.42 1.95
CA THR A 269 -3.14 24.34 0.84
C THR A 269 -4.37 25.07 0.32
N ALA A 270 -5.52 24.42 0.29
CA ALA A 270 -6.76 24.98 -0.17
C ALA A 270 -7.27 26.11 0.73
N ARG A 271 -6.70 26.23 1.92
CA ARG A 271 -7.13 27.27 2.87
C ARG A 271 -6.15 28.45 2.88
N ARG A 272 -5.13 28.39 2.06
CA ARG A 272 -4.03 29.36 2.08
C ARG A 272 -4.14 30.33 0.92
N ARG A 273 -3.59 31.53 1.11
CA ARG A 273 -3.50 32.48 -0.01
C ARG A 273 -2.37 32.12 -0.96
N GLY A 274 -2.51 32.54 -2.23
CA GLY A 274 -1.51 32.26 -3.23
C GLY A 274 -0.14 32.77 -2.84
N SER A 275 -0.09 33.89 -2.12
CA SER A 275 1.18 34.38 -1.60
C SER A 275 1.93 33.47 -0.62
N ARG A 276 1.23 32.50 -0.02
CA ARG A 276 1.84 31.60 0.95
C ARG A 276 1.60 30.09 0.66
N ALA A 277 1.11 29.78 -0.53
CA ALA A 277 0.67 28.41 -0.89
C ALA A 277 1.73 27.59 -1.65
N HIS A 278 2.68 28.26 -2.32
CA HIS A 278 3.60 27.61 -3.26
C HIS A 278 5.06 27.69 -2.86
N ASP A 279 5.92 27.01 -3.59
CA ASP A 279 7.31 26.94 -3.26
C ASP A 279 8.14 27.81 -4.20
N GLU A 280 8.61 28.94 -3.68
CA GLU A 280 9.40 29.83 -4.51
C GLU A 280 10.72 29.22 -4.91
N MET A 281 11.29 29.71 -6.02
CA MET A 281 12.54 29.18 -6.52
C MET A 281 13.66 30.24 -6.44
N TYR A 282 14.86 29.76 -6.16
CA TYR A 282 16.06 30.59 -6.00
C TYR A 282 17.24 29.95 -6.70
N PRO A 283 18.23 30.78 -7.13
CA PRO A 283 19.46 30.25 -7.69
C PRO A 283 20.28 29.40 -6.74
N GLY A 284 21.02 28.45 -7.29
CA GLY A 284 21.87 27.59 -6.51
C GLY A 284 23.03 27.13 -7.36
N PRO A 285 24.04 26.50 -6.73
CA PRO A 285 25.22 26.06 -7.46
C PRO A 285 24.83 25.17 -8.65
N ASP A 286 24.11 24.10 -8.34
CA ASP A 286 23.81 23.05 -9.32
C ASP A 286 22.31 23.02 -9.61
N GLY A 287 21.73 24.19 -9.84
CA GLY A 287 20.32 24.30 -10.23
C GLY A 287 19.45 25.06 -9.25
N VAL A 288 18.21 25.29 -9.66
CA VAL A 288 17.20 25.95 -8.85
C VAL A 288 17.05 25.24 -7.50
N VAL A 289 16.90 26.01 -6.42
CA VAL A 289 16.65 25.45 -5.08
C VAL A 289 15.41 26.09 -4.49
N ARG A 290 14.80 25.43 -3.51
CA ARG A 290 13.61 25.94 -2.84
C ARG A 290 13.81 25.80 -1.34
N SER A 291 13.09 26.63 -0.60
CA SER A 291 13.18 26.60 0.86
C SER A 291 11.94 25.96 1.50
N THR A 292 10.88 25.75 0.73
CA THR A 292 9.67 25.07 1.19
C THR A 292 9.29 23.95 0.22
N ASN A 293 8.49 23.02 0.72
CA ASN A 293 7.94 21.94 -0.11
C ASN A 293 6.48 21.70 0.17
N ARG A 294 5.70 22.77 0.05
CA ARG A 294 4.29 22.72 0.24
C ARG A 294 3.61 21.83 -0.80
N ALA A 295 4.20 21.81 -2.00
CA ALA A 295 3.67 21.05 -3.13
C ALA A 295 3.84 19.54 -2.93
N GLY A 296 4.68 19.12 -1.97
CA GLY A 296 4.98 17.71 -1.81
C GLY A 296 5.68 17.06 -2.99
N GLY A 297 6.56 17.80 -3.68
CA GLY A 297 7.42 17.23 -4.71
C GLY A 297 6.78 17.09 -6.09
N LEU A 298 5.55 17.57 -6.26
CA LEU A 298 4.87 17.55 -7.58
C LEU A 298 4.32 18.90 -7.96
N GLU A 299 4.59 19.33 -9.20
CA GLU A 299 3.94 20.52 -9.78
C GLU A 299 3.55 20.21 -11.21
N GLY A 300 2.34 20.59 -11.57
CA GLY A 300 1.82 20.35 -12.90
C GLY A 300 1.85 18.91 -13.34
N GLY A 301 1.78 18.00 -12.34
CA GLY A 301 1.75 16.56 -12.56
C GLY A 301 3.09 15.86 -12.67
N MET A 302 4.18 16.60 -12.39
CA MET A 302 5.54 16.09 -12.53
C MET A 302 6.35 16.25 -11.26
N THR A 303 7.29 15.34 -11.07
CA THR A 303 8.29 15.50 -10.02
C THR A 303 9.10 16.75 -10.26
N ASN A 304 9.36 17.50 -9.20
CA ASN A 304 10.06 18.79 -9.32
C ASN A 304 11.39 18.80 -8.62
N GLY A 305 11.84 17.65 -8.12
CA GLY A 305 13.16 17.53 -7.47
C GLY A 305 13.09 17.43 -5.94
N GLN A 306 12.02 17.96 -5.38
CA GLN A 306 11.81 17.98 -3.92
C GLN A 306 11.26 16.63 -3.45
N PRO A 307 11.32 16.36 -2.15
CA PRO A 307 10.75 15.11 -1.66
C PRO A 307 9.30 15.00 -2.08
N LEU A 308 8.94 13.80 -2.54
CA LEU A 308 7.57 13.50 -2.79
C LEU A 308 6.90 13.11 -1.48
N ARG A 309 5.78 13.74 -1.19
CA ARG A 309 5.02 13.49 0.04
C ARG A 309 3.57 13.17 -0.26
N VAL A 310 3.14 11.95 0.07
CA VAL A 310 1.79 11.50 -0.22
C VAL A 310 1.19 11.03 1.10
N ARG A 311 0.06 11.58 1.45
CA ARG A 311 -0.65 11.24 2.70
C ARG A 311 -1.91 10.51 2.42
N ALA A 312 -2.21 9.52 3.28
CA ALA A 312 -3.36 8.70 3.11
C ALA A 312 -4.13 8.64 4.44
N ALA A 313 -5.44 8.74 4.36
CA ALA A 313 -6.35 8.63 5.50
C ALA A 313 -7.00 7.25 5.50
N MET A 314 -6.82 6.52 6.61
CA MET A 314 -7.36 5.17 6.77
C MET A 314 -8.47 5.18 7.80
N LYS A 315 -9.62 4.65 7.43
CA LYS A 315 -10.76 4.49 8.36
C LYS A 315 -10.42 3.31 9.26
N PRO A 316 -11.07 3.26 10.40
CA PRO A 316 -10.84 2.03 11.17
C PRO A 316 -11.44 0.74 10.56
N ILE A 317 -10.74 -0.38 10.54
CA ILE A 317 -10.62 -1.30 9.38
C ILE A 317 -11.14 -2.59 10.07
N SER A 318 -10.94 -2.68 11.39
CA SER A 318 -11.44 -3.78 12.21
C SER A 318 -12.80 -3.39 12.75
N THR A 319 -13.76 -4.30 12.62
CA THR A 319 -15.12 -4.12 13.09
C THR A 319 -15.22 -4.19 14.62
N VAL A 320 -16.01 -3.28 15.21
CA VAL A 320 -16.22 -3.23 16.68
C VAL A 320 -17.31 -4.21 17.17
N PRO A 321 -16.94 -5.15 18.04
CA PRO A 321 -17.92 -6.04 18.72
C PRO A 321 -19.20 -5.38 19.31
N ARG A 322 -20.37 -5.90 18.93
CA ARG A 322 -21.69 -5.52 19.49
C ARG A 322 -22.23 -4.12 19.19
N ALA A 323 -21.48 -3.33 18.43
CA ALA A 323 -21.85 -1.92 18.28
C ALA A 323 -22.72 -1.66 17.07
N LEU A 324 -22.49 -2.44 16.00
CA LEU A 324 -23.02 -2.05 14.72
C LEU A 324 -24.20 -2.89 14.32
N ALA A 325 -25.33 -2.23 14.16
CA ALA A 325 -26.51 -2.82 13.64
C ALA A 325 -26.25 -3.18 12.20
N THR A 326 -26.73 -4.35 11.81
CA THR A 326 -26.82 -4.72 10.41
C THR A 326 -28.15 -5.50 10.15
N VAL A 327 -28.24 -6.14 8.99
CA VAL A 327 -29.44 -6.88 8.60
C VAL A 327 -28.98 -8.28 8.20
N ASP A 328 -29.76 -9.30 8.57
CA ASP A 328 -29.52 -10.66 8.09
C ASP A 328 -30.19 -10.73 6.75
N LEU A 329 -29.40 -10.81 5.68
CA LEU A 329 -29.95 -10.78 4.34
C LEU A 329 -30.79 -12.01 4.01
N ALA A 330 -30.58 -13.08 4.77
CA ALA A 330 -31.34 -14.31 4.61
C ALA A 330 -32.79 -14.12 5.05
N THR A 331 -33.00 -13.34 6.11
CA THR A 331 -34.33 -13.18 6.71
C THR A 331 -34.94 -11.77 6.62
N GLY A 332 -34.08 -10.76 6.48
CA GLY A 332 -34.51 -9.36 6.53
C GLY A 332 -34.55 -8.82 7.96
N ASP A 333 -34.15 -9.65 8.92
CA ASP A 333 -34.21 -9.28 10.31
C ASP A 333 -32.99 -8.47 10.71
N GLU A 334 -33.22 -7.71 11.77
CA GLU A 334 -32.15 -6.93 12.37
CA GLU A 334 -32.19 -6.94 12.42
C GLU A 334 -31.12 -7.87 12.95
N ALA A 335 -29.89 -7.41 12.98
CA ALA A 335 -28.78 -8.19 13.55
C ALA A 335 -27.68 -7.28 13.99
N VAL A 336 -26.65 -7.88 14.58
CA VAL A 336 -25.47 -7.14 14.96
C VAL A 336 -24.25 -7.78 14.29
N ALA A 337 -23.40 -6.92 13.74
CA ALA A 337 -22.25 -7.37 12.96
C ALA A 337 -21.15 -8.03 13.77
N ILE A 338 -20.59 -9.12 13.25
CA ILE A 338 -19.48 -9.80 13.90
CA ILE A 338 -19.50 -9.84 13.88
C ILE A 338 -18.18 -9.59 13.15
N HIS A 339 -17.12 -9.38 13.92
CA HIS A 339 -15.83 -9.06 13.35
C HIS A 339 -15.12 -10.26 12.77
N GLN A 340 -14.25 -9.99 11.80
CA GLN A 340 -13.30 -10.95 11.24
C GLN A 340 -11.86 -10.71 11.69
N ARG A 341 -11.54 -9.50 12.09
CA ARG A 341 -10.21 -9.18 12.57
C ARG A 341 -10.36 -8.52 13.94
N SER A 342 -9.32 -8.67 14.75
CA SER A 342 -9.36 -8.24 16.15
C SER A 342 -8.34 -7.16 16.51
N ASP A 343 -7.59 -6.64 15.54
CA ASP A 343 -6.58 -5.65 15.92
C ASP A 343 -7.25 -4.28 16.10
N VAL A 344 -6.70 -3.49 17.01
CA VAL A 344 -7.30 -2.21 17.32
C VAL A 344 -6.94 -1.18 16.22
N CYS A 345 -5.75 -1.31 15.67
CA CYS A 345 -5.20 -0.29 14.75
CA CYS A 345 -5.26 -0.32 14.71
C CYS A 345 -4.20 -0.94 13.79
N ALA A 346 -4.34 -0.67 12.49
CA ALA A 346 -3.41 -1.18 11.50
C ALA A 346 -2.70 -0.05 10.74
N VAL A 347 -2.73 1.15 11.30
CA VAL A 347 -2.17 2.32 10.61
C VAL A 347 -0.68 2.22 10.32
N PRO A 348 0.16 1.78 11.28
CA PRO A 348 1.57 1.65 10.98
C PRO A 348 1.88 0.77 9.77
N ALA A 349 1.22 -0.37 9.68
CA ALA A 349 1.37 -1.28 8.57
C ALA A 349 0.81 -0.67 7.28
N ALA A 350 -0.29 0.04 7.38
CA ALA A 350 -0.88 0.72 6.20
C ALA A 350 0.15 1.65 5.58
N GLY A 351 0.98 2.30 6.41
CA GLY A 351 2.07 3.10 5.87
C GLY A 351 3.00 2.33 4.96
N VAL A 352 3.36 1.10 5.37
CA VAL A 352 4.21 0.25 4.57
C VAL A 352 3.55 -0.10 3.23
N VAL A 353 2.23 -0.30 3.23
CA VAL A 353 1.51 -0.65 2.03
C VAL A 353 1.49 0.61 1.12
N VAL A 354 1.31 1.77 1.72
CA VAL A 354 1.34 3.03 0.91
C VAL A 354 2.70 3.18 0.26
N GLU A 355 3.80 2.94 0.98
CA GLU A 355 5.14 2.98 0.37
C GLU A 355 5.20 2.11 -0.88
N THR A 356 4.68 0.90 -0.76
CA THR A 356 4.68 -0.07 -1.86
C THR A 356 3.99 0.46 -3.09
N MET A 357 2.83 1.04 -2.88
CA MET A 357 2.00 1.51 -4.01
C MET A 357 2.69 2.71 -4.67
N VAL A 358 3.23 3.59 -3.83
CA VAL A 358 4.05 4.70 -4.34
C VAL A 358 5.26 4.22 -5.15
N ALA A 359 5.99 3.23 -4.64
CA ALA A 359 7.13 2.69 -5.36
C ALA A 359 6.74 2.13 -6.74
N LEU A 360 5.63 1.42 -6.80
CA LEU A 360 5.19 0.76 -8.05
C LEU A 360 4.92 1.85 -9.10
N VAL A 361 4.19 2.88 -8.69
CA VAL A 361 3.85 3.99 -9.63
C VAL A 361 5.10 4.72 -10.07
N LEU A 362 5.99 5.01 -9.14
CA LEU A 362 7.26 5.69 -9.49
C LEU A 362 8.12 4.89 -10.42
N ALA A 363 8.22 3.57 -10.18
CA ALA A 363 9.00 2.74 -11.05
C ALA A 363 8.40 2.73 -12.47
N ARG A 364 7.07 2.68 -12.55
CA ARG A 364 6.39 2.65 -13.86
C ARG A 364 6.69 3.96 -14.57
N ALA A 365 6.61 5.05 -13.85
CA ALA A 365 6.81 6.39 -14.47
C ALA A 365 8.23 6.56 -14.95
N ALA A 366 9.20 6.04 -14.17
CA ALA A 366 10.59 6.11 -14.56
C ALA A 366 10.89 5.30 -15.81
N LEU A 367 10.31 4.11 -15.91
CA LEU A 367 10.51 3.28 -17.10
C LEU A 367 9.84 3.92 -18.32
N GLU A 368 8.72 4.61 -18.12
CA GLU A 368 8.05 5.29 -19.23
CA GLU A 368 8.05 5.30 -19.23
C GLU A 368 8.99 6.35 -19.82
N LYS A 369 9.62 7.13 -18.97
CA LYS A 369 10.53 8.20 -19.47
C LYS A 369 11.86 7.69 -19.95
N PHE A 370 12.49 6.81 -19.16
CA PHE A 370 13.85 6.40 -19.45
C PHE A 370 13.99 5.15 -20.29
N GLY A 371 12.90 4.41 -20.48
CA GLY A 371 12.94 3.23 -21.34
C GLY A 371 13.94 2.19 -20.89
N GLY A 372 14.38 1.38 -21.84
CA GLY A 372 15.38 0.34 -21.61
C GLY A 372 14.76 -1.00 -21.34
N ASP A 373 15.50 -2.04 -21.70
CA ASP A 373 15.14 -3.42 -21.45
C ASP A 373 16.01 -4.07 -20.36
N SER A 374 17.18 -3.48 -20.13
CA SER A 374 18.07 -3.89 -19.05
C SER A 374 18.41 -2.70 -18.17
N LEU A 375 18.72 -2.97 -16.92
CA LEU A 375 19.08 -1.91 -15.99
C LEU A 375 20.20 -1.03 -16.48
N ALA A 376 21.27 -1.63 -17.05
CA ALA A 376 22.39 -0.82 -17.54
C ALA A 376 21.95 0.17 -18.62
N GLU A 377 21.03 -0.27 -19.47
CA GLU A 377 20.50 0.58 -20.54
C GLU A 377 19.69 1.75 -19.95
N THR A 378 18.75 1.42 -19.05
CA THR A 378 17.98 2.45 -18.38
C THR A 378 18.89 3.45 -17.65
N GLN A 379 19.93 2.92 -17.02
CA GLN A 379 20.89 3.77 -16.30
C GLN A 379 21.62 4.74 -17.23
N ARG A 380 22.05 4.26 -18.39
CA ARG A 380 22.69 5.14 -19.37
C ARG A 380 21.76 6.27 -19.75
N ASN A 381 20.47 5.94 -19.95
CA ASN A 381 19.48 6.89 -20.39
C ASN A 381 19.22 7.93 -19.32
N ILE A 382 19.16 7.49 -18.06
CA ILE A 382 19.01 8.38 -16.95
C ILE A 382 20.21 9.35 -16.86
N ALA A 383 21.43 8.82 -16.93
CA ALA A 383 22.63 9.64 -16.84
C ALA A 383 22.67 10.71 -17.93
N ALA A 384 22.32 10.33 -19.15
CA ALA A 384 22.32 11.28 -20.26
C ALA A 384 21.29 12.39 -20.05
N TYR A 385 20.10 12.02 -19.55
CA TYR A 385 19.09 13.02 -19.21
C TYR A 385 19.61 13.98 -18.14
N GLN A 386 20.22 13.42 -17.10
CA GLN A 386 20.73 14.26 -15.99
C GLN A 386 21.82 15.19 -16.46
N ARG A 387 22.69 14.68 -17.31
CA ARG A 387 23.72 15.53 -17.95
C ARG A 387 23.11 16.66 -18.77
N SER A 388 22.10 16.34 -19.57
N SER A 388 22.09 16.33 -19.56
CA SER A 388 21.44 17.34 -20.40
CA SER A 388 21.40 17.32 -20.40
C SER A 388 20.80 18.46 -19.56
C SER A 388 20.80 18.44 -19.57
N VAL A 389 20.26 18.10 -18.41
CA VAL A 389 19.69 19.06 -17.49
C VAL A 389 20.80 19.89 -16.88
N ALA A 390 21.86 19.24 -16.41
CA ALA A 390 22.96 19.94 -15.75
C ALA A 390 23.62 20.92 -16.72
N ASP A 391 23.72 20.54 -17.98
CA ASP A 391 24.32 21.36 -19.02
C ASP A 391 23.45 22.53 -19.46
N ARG A 392 22.23 22.64 -18.93
CA ARG A 392 21.46 23.88 -19.03
C ARG A 392 22.06 24.96 -18.13
C ACT B . -8.40 10.62 -16.00
O ACT B . -9.23 9.95 -16.65
OXT ACT B . -8.35 11.84 -16.25
CH3 ACT B . -7.54 9.98 -14.95
C ACT C . -2.77 -16.72 2.41
O ACT C . -1.53 -16.66 2.36
OXT ACT C . -3.29 -16.16 3.39
CH3 ACT C . -3.62 -17.38 1.33
C ACT D . 14.07 -3.46 -1.00
O ACT D . 13.35 -4.04 -0.16
OXT ACT D . 14.47 -2.31 -0.67
CH3 ACT D . 14.43 -4.10 -2.31
NA NA E . 21.88 -4.78 -16.64
NA NA F . 9.57 17.95 2.39
NA NA G . -7.97 -14.18 -6.30
C TRS H . 9.85 -1.54 -20.60
C1 TRS H . 8.79 -1.04 -19.62
C2 TRS H . 10.74 -2.55 -19.86
C3 TRS H . 10.73 -0.45 -21.20
N TRS H . 9.15 -2.14 -21.74
O1 TRS H . 7.89 -2.08 -19.31
O2 TRS H . 11.49 -3.35 -20.76
O3 TRS H . 11.40 0.29 -20.20
#